data_3B7L
#
_entry.id   3B7L
#
_cell.length_a   110.922
_cell.length_b   110.922
_cell.length_c   67.308
_cell.angle_alpha   90.00
_cell.angle_beta   90.00
_cell.angle_gamma   90.00
#
_symmetry.space_group_name_H-M   'P 41 21 2'
#
loop_
_entity.id
_entity.type
_entity.pdbx_description
1 polymer 'Farnesyl pyrophosphate synthetase'
2 non-polymer 'MAGNESIUM ION'
3 non-polymer '(1-HYDROXY-2-IMIDAZO[1,2-A]PYRIDIN-3-YLETHANE-1,1-DIYL)BIS(PHOSPHONIC ACID)'
4 water water
#
_entity_poly.entity_id   1
_entity_poly.type   'polypeptide(L)'
_entity_poly.pdbx_seq_one_letter_code
;GHMMNGDQNSDVYAQEKQDFVQHFSQIVRVLTEDEMGHPEIGDAIARLKEVLEYNAIGGKYNRGLTVVVAFRELVEPRKQ
DADSLQRAWTVGWCVELLQAFFLVADDIMDSSLTRRGQICWYQKPGVGLDAINDANLLEACIYRLLKLYCREQPYYLNLI
ELFLQSSYQTEIGQTLDLLTAPQGNVDLVRFTEKRYKSIVKYKTAFYSFYLPIAAAMYMAGIDGEKEHANAKKILLEMGE
FFQIQDDYLDLFGDPSVTGKIGTDIQDNKCSWLVVQCLQRATPEQYQILKENYGQKEAEKVARVKALYEELDLPAVFLQY
EEDSYSHIMALIEQYAAPLPPAVFLGLARKIYKRRK
;
_entity_poly.pdbx_strand_id   A
#
loop_
_chem_comp.id
_chem_comp.type
_chem_comp.name
_chem_comp.formula
M0N non-polymer '(1-HYDROXY-2-IMIDAZO[1,2-A]PYRIDIN-3-YLETHANE-1,1-DIYL)BIS(PHOSPHONIC ACID)' 'C9 H12 N2 O7 P2'
MG non-polymer 'MAGNESIUM ION' 'Mg 2'
#
# COMPACT_ATOMS: atom_id res chain seq x y z
N ASP A 11 16.29 -5.94 11.96
CA ASP A 11 14.87 -5.54 12.20
C ASP A 11 14.08 -6.67 12.86
N VAL A 12 13.03 -6.30 13.60
CA VAL A 12 11.98 -7.24 14.04
C VAL A 12 11.23 -7.87 12.85
N TYR A 13 11.26 -7.16 11.72
CA TYR A 13 10.69 -7.60 10.46
C TYR A 13 11.48 -8.76 9.81
N ALA A 14 12.82 -8.69 9.85
CA ALA A 14 13.68 -9.77 9.35
C ALA A 14 13.57 -11.02 10.25
N GLN A 15 13.43 -10.79 11.56
CA GLN A 15 13.17 -11.86 12.53
C GLN A 15 11.83 -12.63 12.30
N GLU A 16 10.90 -12.05 11.53
CA GLU A 16 9.63 -12.72 11.24
C GLU A 16 9.38 -13.01 9.75
N LYS A 17 10.27 -12.54 8.86
CA LYS A 17 9.99 -12.53 7.43
C LYS A 17 10.06 -13.91 6.78
N GLN A 18 11.20 -14.58 6.95
CA GLN A 18 11.42 -15.89 6.33
C GLN A 18 10.27 -16.81 6.72
N ASP A 19 9.87 -16.77 7.99
CA ASP A 19 8.75 -17.57 8.50
C ASP A 19 7.43 -17.10 7.94
N PHE A 20 7.29 -15.79 7.72
CA PHE A 20 6.02 -15.26 7.20
C PHE A 20 5.85 -15.76 5.76
N VAL A 21 6.90 -15.58 4.96
CA VAL A 21 6.94 -15.96 3.55
C VAL A 21 6.75 -17.45 3.38
N GLN A 22 7.44 -18.20 4.24
CA GLN A 22 7.29 -19.64 4.30
C GLN A 22 5.83 -20.08 4.24
N HIS A 23 4.98 -19.30 4.89
CA HIS A 23 3.56 -19.61 5.09
C HIS A 23 2.67 -19.38 3.87
N PHE A 24 3.22 -18.74 2.85
CA PHE A 24 2.49 -18.49 1.63
C PHE A 24 2.09 -19.80 0.93
N SER A 25 2.98 -20.81 0.93
CA SER A 25 2.65 -22.12 0.36
C SER A 25 1.39 -22.73 1.02
N GLN A 26 1.22 -22.54 2.32
CA GLN A 26 0.01 -23.00 3.04
C GLN A 26 -1.26 -22.21 2.65
N ILE A 27 -1.12 -20.89 2.59
CA ILE A 27 -2.19 -19.99 2.11
C ILE A 27 -2.70 -20.45 0.73
N VAL A 28 -1.74 -20.66 -0.19
CA VAL A 28 -2.05 -21.09 -1.54
C VAL A 28 -2.70 -22.46 -1.55
N ARG A 29 -2.14 -23.40 -0.79
CA ARG A 29 -2.70 -24.74 -0.62
C ARG A 29 -4.15 -24.70 -0.09
N VAL A 30 -4.42 -23.98 0.99
CA VAL A 30 -5.80 -23.90 1.50
C VAL A 30 -6.77 -23.16 0.54
N LEU A 31 -6.30 -22.15 -0.19
CA LEU A 31 -7.16 -21.47 -1.17
C LEU A 31 -7.39 -22.25 -2.48
N THR A 32 -6.48 -23.17 -2.81
CA THR A 32 -6.59 -23.89 -4.08
C THR A 32 -6.95 -25.36 -3.86
N GLU A 33 -7.49 -25.65 -2.66
CA GLU A 33 -8.15 -26.94 -2.35
C GLU A 33 -9.65 -26.76 -2.07
N ASP A 34 -10.28 -25.80 -2.77
CA ASP A 34 -11.76 -25.70 -2.89
C ASP A 34 -12.20 -26.61 -4.04
N GLU A 35 -11.40 -27.63 -4.29
CA GLU A 35 -11.29 -28.29 -5.58
C GLU A 35 -11.70 -29.78 -5.44
N MET A 36 -11.32 -30.39 -4.33
CA MET A 36 -11.97 -31.64 -3.88
C MET A 36 -13.34 -31.23 -3.36
N GLY A 37 -14.38 -31.89 -3.86
CA GLY A 37 -15.76 -31.44 -3.67
C GLY A 37 -16.30 -30.81 -4.94
N HIS A 38 -15.48 -29.91 -5.53
CA HIS A 38 -15.86 -29.16 -6.73
C HIS A 38 -14.76 -29.21 -7.82
N PRO A 39 -14.47 -30.39 -8.38
CA PRO A 39 -13.44 -30.50 -9.42
C PRO A 39 -13.80 -29.84 -10.76
N GLU A 40 -15.07 -29.45 -10.92
CA GLU A 40 -15.53 -28.64 -12.08
C GLU A 40 -14.91 -27.21 -12.13
N ILE A 41 -14.51 -26.68 -10.98
CA ILE A 41 -13.80 -25.42 -10.96
C ILE A 41 -12.27 -25.52 -11.02
N GLY A 42 -11.74 -26.70 -11.36
CA GLY A 42 -10.30 -26.94 -11.31
C GLY A 42 -9.49 -25.94 -12.10
N ASP A 43 -9.90 -25.71 -13.35
CA ASP A 43 -9.18 -24.75 -14.23
C ASP A 43 -9.15 -23.36 -13.67
N ALA A 44 -10.24 -22.99 -13.00
CA ALA A 44 -10.38 -21.69 -12.38
C ALA A 44 -9.46 -21.56 -11.16
N ILE A 45 -9.36 -22.66 -10.42
CA ILE A 45 -8.51 -22.70 -9.23
C ILE A 45 -7.02 -22.71 -9.64
N ALA A 46 -6.68 -23.39 -10.74
CA ALA A 46 -5.36 -23.30 -11.34
C ALA A 46 -5.00 -21.84 -11.72
N ARG A 47 -5.96 -21.12 -12.30
CA ARG A 47 -5.77 -19.71 -12.66
C ARG A 47 -5.57 -18.91 -11.39
N LEU A 48 -6.37 -19.16 -10.36
CA LEU A 48 -6.21 -18.45 -9.08
C LEU A 48 -4.77 -18.66 -8.49
N LYS A 49 -4.30 -19.90 -8.51
CA LYS A 49 -2.94 -20.22 -8.06
C LYS A 49 -1.93 -19.38 -8.85
N GLU A 50 -2.08 -19.34 -10.18
CA GLU A 50 -1.17 -18.55 -11.02
C GLU A 50 -1.20 -17.06 -10.64
N VAL A 51 -2.40 -16.54 -10.48
CA VAL A 51 -2.60 -15.17 -10.11
C VAL A 51 -1.95 -14.86 -8.73
N LEU A 52 -2.18 -15.75 -7.75
CA LEU A 52 -1.60 -15.60 -6.40
C LEU A 52 -0.07 -15.58 -6.45
N GLU A 53 0.48 -16.54 -7.18
CA GLU A 53 1.93 -16.69 -7.25
C GLU A 53 2.59 -15.51 -7.97
N TYR A 54 1.95 -14.99 -9.01
CA TYR A 54 2.53 -13.87 -9.78
C TYR A 54 2.48 -12.57 -9.01
N ASN A 55 1.37 -12.32 -8.29
CA ASN A 55 1.03 -11.00 -7.78
C ASN A 55 1.15 -10.76 -6.27
N ALA A 56 1.17 -11.81 -5.45
CA ALA A 56 1.25 -11.60 -3.99
C ALA A 56 2.66 -11.97 -3.45
N ILE A 57 3.54 -12.41 -4.35
CA ILE A 57 4.92 -12.75 -4.00
C ILE A 57 5.85 -11.85 -4.77
N GLY A 58 6.94 -11.41 -4.13
CA GLY A 58 8.01 -10.64 -4.81
C GLY A 58 8.19 -9.24 -4.22
N GLY A 59 7.31 -8.90 -3.29
CA GLY A 59 7.38 -7.64 -2.58
C GLY A 59 8.19 -7.79 -1.32
N LYS A 60 8.14 -6.76 -0.47
CA LYS A 60 8.87 -6.70 0.80
C LYS A 60 8.07 -7.29 1.99
N TYR A 61 6.76 -7.46 1.79
CA TYR A 61 5.84 -8.04 2.79
C TYR A 61 5.70 -7.20 4.05
N ASN A 62 5.97 -5.90 3.98
CA ASN A 62 5.97 -5.07 5.19
C ASN A 62 4.59 -4.93 5.85
N ARG A 63 3.54 -4.83 5.03
CA ARG A 63 2.19 -4.66 5.58
C ARG A 63 1.74 -5.94 6.27
N GLY A 64 1.91 -7.09 5.62
CA GLY A 64 1.60 -8.37 6.23
C GLY A 64 2.46 -8.66 7.42
N LEU A 65 3.75 -8.45 7.29
CA LEU A 65 4.66 -8.59 8.41
C LEU A 65 4.30 -7.73 9.63
N THR A 66 3.75 -6.54 9.40
CA THR A 66 3.36 -5.63 10.48
C THR A 66 2.26 -6.25 11.36
N VAL A 67 1.30 -6.96 10.74
CA VAL A 67 0.28 -7.67 11.51
C VAL A 67 0.95 -8.66 12.43
N VAL A 68 1.84 -9.46 11.87
CA VAL A 68 2.53 -10.50 12.66
C VAL A 68 3.37 -9.94 13.86
N VAL A 69 4.17 -8.92 13.58
CA VAL A 69 5.08 -8.31 14.55
C VAL A 69 4.25 -7.60 15.64
N ALA A 70 3.21 -6.87 15.22
CA ALA A 70 2.33 -6.18 16.17
C ALA A 70 1.58 -7.18 17.04
N PHE A 71 1.12 -8.26 16.44
CA PHE A 71 0.43 -9.31 17.17
C PHE A 71 1.27 -9.86 18.30
N ARG A 72 2.49 -10.26 17.96
CA ARG A 72 3.42 -10.73 18.95
C ARG A 72 3.72 -9.71 20.05
N GLU A 73 3.70 -8.43 19.72
CA GLU A 73 4.00 -7.36 20.68
C GLU A 73 2.76 -6.97 21.52
N LEU A 74 1.55 -7.24 21.01
CA LEU A 74 0.30 -6.87 21.69
C LEU A 74 -0.36 -8.02 22.45
N VAL A 75 -0.12 -9.26 22.03
CA VAL A 75 -0.76 -10.45 22.62
C VAL A 75 0.19 -11.07 23.61
N GLU A 76 -0.33 -11.48 24.76
CA GLU A 76 0.49 -12.02 25.84
C GLU A 76 1.13 -13.33 25.39
N PRO A 77 2.43 -13.50 25.64
CA PRO A 77 3.11 -14.69 25.11
C PRO A 77 2.45 -16.03 25.43
N ARG A 78 1.79 -16.16 26.59
CA ARG A 78 1.03 -17.38 26.94
C ARG A 78 -0.23 -17.57 26.09
N LYS A 79 -0.67 -16.50 25.44
CA LYS A 79 -1.80 -16.51 24.52
C LYS A 79 -1.36 -16.66 23.06
N GLN A 80 -0.06 -16.72 22.81
CA GLN A 80 0.49 -16.89 21.44
C GLN A 80 0.72 -18.36 21.11
N ASP A 81 -0.32 -19.16 21.25
CA ASP A 81 -0.28 -20.58 20.90
C ASP A 81 -0.18 -20.77 19.36
N ALA A 82 0.02 -22.02 18.95
CA ALA A 82 0.20 -22.41 17.56
C ALA A 82 -0.88 -21.92 16.63
N ASP A 83 -2.13 -22.14 17.03
CA ASP A 83 -3.29 -21.74 16.26
C ASP A 83 -3.42 -20.23 16.16
N SER A 84 -3.18 -19.54 17.27
CA SER A 84 -3.24 -18.07 17.31
C SER A 84 -2.19 -17.42 16.39
N LEU A 85 -0.97 -17.94 16.42
CA LEU A 85 0.09 -17.49 15.52
C LEU A 85 -0.26 -17.72 14.06
N GLN A 86 -0.85 -18.87 13.77
CA GLN A 86 -1.33 -19.17 12.44
C GLN A 86 -2.42 -18.19 11.95
N ARG A 87 -3.38 -17.86 12.81
CA ARG A 87 -4.37 -16.86 12.50
C ARG A 87 -3.68 -15.49 12.24
N ALA A 88 -2.68 -15.15 13.05
CA ALA A 88 -1.93 -13.91 12.84
C ALA A 88 -1.26 -13.85 11.46
N TRP A 89 -0.47 -14.85 11.09
CA TRP A 89 0.11 -14.77 9.73
C TRP A 89 -0.90 -14.93 8.58
N THR A 90 -1.99 -15.64 8.79
CA THR A 90 -3.11 -15.61 7.83
C THR A 90 -3.68 -14.20 7.61
N VAL A 91 -3.96 -13.48 8.69
CA VAL A 91 -4.47 -12.12 8.60
C VAL A 91 -3.41 -11.16 7.96
N GLY A 92 -2.11 -11.37 8.23
CA GLY A 92 -1.07 -10.63 7.53
C GLY A 92 -1.10 -10.92 6.03
N TRP A 93 -1.29 -12.18 5.65
CA TRP A 93 -1.44 -12.52 4.24
C TRP A 93 -2.69 -11.93 3.64
N CYS A 94 -3.78 -11.83 4.40
CA CYS A 94 -4.97 -11.07 3.95
C CYS A 94 -4.62 -9.62 3.59
N VAL A 95 -3.82 -8.94 4.41
CA VAL A 95 -3.38 -7.58 4.05
C VAL A 95 -2.58 -7.59 2.73
N GLU A 96 -1.73 -8.59 2.55
CA GLU A 96 -0.95 -8.71 1.35
C GLU A 96 -1.82 -8.92 0.13
N LEU A 97 -2.87 -9.73 0.31
CA LEU A 97 -3.83 -9.96 -0.76
C LEU A 97 -4.65 -8.71 -1.12
N LEU A 98 -4.98 -7.92 -0.11
CA LEU A 98 -5.65 -6.64 -0.33
C LEU A 98 -4.74 -5.72 -1.15
N GLN A 99 -3.46 -5.65 -0.80
CA GLN A 99 -2.49 -4.95 -1.61
C GLN A 99 -2.43 -5.50 -3.06
N ALA A 100 -2.35 -6.81 -3.19
CA ALA A 100 -2.23 -7.48 -4.47
C ALA A 100 -3.42 -7.11 -5.38
N PHE A 101 -4.64 -7.21 -4.86
CA PHE A 101 -5.91 -6.82 -5.57
C PHE A 101 -5.81 -5.38 -6.08
N PHE A 102 -5.52 -4.46 -5.16
CA PHE A 102 -5.41 -3.05 -5.48
C PHE A 102 -4.33 -2.70 -6.52
N LEU A 103 -3.18 -3.35 -6.44
CA LEU A 103 -2.06 -3.09 -7.35
C LEU A 103 -2.30 -3.57 -8.76
N VAL A 104 -2.88 -4.76 -8.91
CA VAL A 104 -3.26 -5.29 -10.24
C VAL A 104 -4.15 -4.30 -11.01
N ALA A 105 -5.16 -3.79 -10.32
CA ALA A 105 -6.12 -2.79 -10.81
C ALA A 105 -5.47 -1.45 -11.07
N ASP A 106 -4.68 -0.98 -10.10
CA ASP A 106 -3.90 0.25 -10.23
C ASP A 106 -2.93 0.25 -11.42
N ASP A 107 -2.21 -0.87 -11.64
CA ASP A 107 -1.30 -0.97 -12.74
C ASP A 107 -1.99 -0.77 -14.13
N ILE A 108 -3.14 -1.39 -14.33
CA ILE A 108 -3.99 -1.15 -15.51
C ILE A 108 -4.37 0.33 -15.63
N MET A 109 -4.90 0.90 -14.55
CA MET A 109 -5.44 2.29 -14.61
C MET A 109 -4.36 3.36 -14.72
N ASP A 110 -3.18 3.05 -14.21
CA ASP A 110 -2.02 3.92 -14.38
C ASP A 110 -1.17 3.63 -15.61
N SER A 111 -1.58 2.67 -16.44
CA SER A 111 -0.80 2.27 -17.62
C SER A 111 0.65 1.98 -17.26
N SER A 112 0.84 1.21 -16.20
CA SER A 112 2.17 0.92 -15.73
C SER A 112 2.76 -0.22 -16.56
N LEU A 113 4.08 -0.34 -16.51
CA LEU A 113 4.83 -1.33 -17.32
C LEU A 113 5.29 -2.53 -16.47
N THR A 114 5.94 -2.22 -15.36
CA THR A 114 6.56 -3.23 -14.50
C THR A 114 6.11 -2.96 -13.04
N ARG A 115 6.19 -4.03 -12.25
CA ARG A 115 5.82 -4.07 -10.86
C ARG A 115 6.67 -5.18 -10.23
N ARG A 116 7.31 -4.88 -9.10
CA ARG A 116 8.13 -5.89 -8.40
C ARG A 116 9.14 -6.60 -9.28
N GLY A 117 9.74 -5.86 -10.22
CA GLY A 117 10.77 -6.34 -11.09
C GLY A 117 10.34 -7.29 -12.20
N GLN A 118 9.06 -7.29 -12.55
CA GLN A 118 8.53 -8.08 -13.66
C GLN A 118 7.46 -7.26 -14.36
N ILE A 119 7.08 -7.67 -15.55
CA ILE A 119 6.02 -6.99 -16.30
C ILE A 119 4.72 -7.03 -15.47
N CYS A 120 3.96 -5.95 -15.49
CA CYS A 120 2.65 -5.97 -14.78
C CYS A 120 1.81 -7.13 -15.30
N TRP A 121 1.04 -7.73 -14.40
CA TRP A 121 0.18 -8.90 -14.72
C TRP A 121 -0.66 -8.64 -16.01
N TYR A 122 -1.36 -7.50 -16.06
CA TYR A 122 -2.20 -7.17 -17.22
C TYR A 122 -1.44 -7.07 -18.57
N GLN A 123 -0.14 -6.78 -18.50
CA GLN A 123 0.74 -6.65 -19.69
C GLN A 123 1.22 -7.96 -20.22
N LYS A 124 1.07 -9.01 -19.39
CA LYS A 124 1.43 -10.35 -19.81
C LYS A 124 0.61 -10.78 -21.00
N PRO A 125 1.31 -11.25 -22.03
CA PRO A 125 0.56 -11.84 -23.14
C PRO A 125 -0.42 -12.88 -22.65
N GLY A 126 -1.67 -12.76 -23.13
CA GLY A 126 -2.72 -13.67 -22.76
C GLY A 126 -3.46 -13.32 -21.47
N VAL A 127 -2.98 -12.34 -20.72
CA VAL A 127 -3.74 -11.87 -19.56
C VAL A 127 -4.65 -10.68 -19.97
N GLY A 128 -4.05 -9.51 -20.17
CA GLY A 128 -4.81 -8.33 -20.57
C GLY A 128 -5.84 -7.95 -19.56
N LEU A 129 -7.02 -7.51 -20.05
CA LEU A 129 -8.09 -7.04 -19.19
C LEU A 129 -8.80 -8.16 -18.43
N ASP A 130 -8.54 -9.42 -18.72
CA ASP A 130 -8.95 -10.51 -17.80
C ASP A 130 -8.41 -10.28 -16.34
N ALA A 131 -7.34 -9.49 -16.20
CA ALA A 131 -6.77 -9.09 -14.92
C ALA A 131 -7.73 -8.40 -13.97
N ILE A 132 -8.75 -7.74 -14.52
CA ILE A 132 -9.79 -7.14 -13.71
C ILE A 132 -10.47 -8.23 -12.82
N ASN A 133 -10.86 -9.37 -13.42
CA ASN A 133 -11.51 -10.41 -12.67
C ASN A 133 -10.52 -11.12 -11.70
N ASP A 134 -9.30 -11.26 -12.17
CA ASP A 134 -8.21 -11.77 -11.33
C ASP A 134 -8.04 -10.96 -10.06
N ALA A 135 -8.05 -9.62 -10.17
CA ALA A 135 -8.00 -8.73 -9.03
C ALA A 135 -9.22 -8.94 -8.07
N ASN A 136 -10.43 -9.04 -8.62
CA ASN A 136 -11.63 -9.32 -7.84
C ASN A 136 -11.48 -10.64 -7.04
N LEU A 137 -10.89 -11.65 -7.68
CA LEU A 137 -10.58 -12.94 -7.04
C LEU A 137 -9.62 -12.84 -5.89
N LEU A 138 -8.55 -12.06 -6.04
CA LEU A 138 -7.62 -11.80 -4.97
C LEU A 138 -8.35 -11.20 -3.77
N GLU A 139 -9.24 -10.24 -4.05
CA GLU A 139 -10.06 -9.61 -3.03
C GLU A 139 -10.94 -10.64 -2.28
N ALA A 140 -11.62 -11.53 -3.02
CA ALA A 140 -12.46 -12.63 -2.46
C ALA A 140 -11.68 -13.58 -1.53
N CYS A 141 -10.42 -13.82 -1.88
CA CYS A 141 -9.54 -14.66 -1.04
C CYS A 141 -9.33 -14.16 0.40
N ILE A 142 -9.39 -12.86 0.57
CA ILE A 142 -9.29 -12.25 1.89
C ILE A 142 -10.37 -12.81 2.78
N TYR A 143 -11.62 -12.73 2.29
CA TYR A 143 -12.79 -13.10 3.08
C TYR A 143 -12.90 -14.61 3.27
N ARG A 144 -12.44 -15.35 2.26
CA ARG A 144 -12.26 -16.80 2.34
C ARG A 144 -11.31 -17.21 3.46
N LEU A 145 -10.13 -16.59 3.53
CA LEU A 145 -9.18 -16.92 4.60
C LEU A 145 -9.71 -16.51 5.97
N LEU A 146 -10.36 -15.35 6.07
CA LEU A 146 -10.92 -14.93 7.36
C LEU A 146 -12.00 -15.90 7.86
N LYS A 147 -12.85 -16.41 6.95
CA LYS A 147 -13.85 -17.39 7.33
C LYS A 147 -13.20 -18.73 7.78
N LEU A 148 -12.24 -19.21 6.99
CA LEU A 148 -11.56 -20.48 7.26
C LEU A 148 -10.78 -20.50 8.57
N TYR A 149 -10.19 -19.36 8.95
CA TYR A 149 -9.25 -19.31 10.08
C TYR A 149 -9.77 -18.57 11.29
N CYS A 150 -10.69 -17.61 11.13
CA CYS A 150 -11.08 -16.70 12.23
C CYS A 150 -12.57 -16.66 12.57
N ARG A 151 -13.38 -17.49 11.91
CA ARG A 151 -14.83 -17.42 12.03
C ARG A 151 -15.37 -17.65 13.46
N GLU A 152 -14.65 -18.42 14.29
CA GLU A 152 -15.11 -18.70 15.63
C GLU A 152 -14.46 -17.79 16.66
N GLN A 153 -13.72 -16.78 16.20
CA GLN A 153 -13.04 -15.85 17.10
C GLN A 153 -13.92 -14.65 17.41
N PRO A 154 -13.79 -14.08 18.63
CA PRO A 154 -14.64 -12.93 18.99
C PRO A 154 -14.39 -11.67 18.12
N TYR A 155 -13.24 -11.60 17.45
CA TYR A 155 -12.85 -10.46 16.59
C TYR A 155 -13.22 -10.61 15.11
N TYR A 156 -13.93 -11.69 14.76
CA TYR A 156 -14.21 -12.02 13.36
C TYR A 156 -14.93 -10.89 12.61
N LEU A 157 -16.07 -10.43 13.15
CA LEU A 157 -16.81 -9.35 12.50
C LEU A 157 -15.99 -8.06 12.45
N ASN A 158 -15.29 -7.72 13.54
CA ASN A 158 -14.34 -6.58 13.57
C ASN A 158 -13.37 -6.57 12.37
N LEU A 159 -12.76 -7.73 12.10
CA LEU A 159 -11.82 -7.90 10.99
C LEU A 159 -12.51 -7.80 9.62
N ILE A 160 -13.66 -8.48 9.46
CA ILE A 160 -14.40 -8.38 8.21
C ILE A 160 -14.71 -6.92 7.88
N GLU A 161 -15.26 -6.20 8.87
CA GLU A 161 -15.62 -4.80 8.74
C GLU A 161 -14.39 -3.90 8.57
N LEU A 162 -13.27 -4.23 9.21
CA LEU A 162 -12.04 -3.45 9.03
C LEU A 162 -11.51 -3.57 7.58
N PHE A 163 -11.48 -4.79 7.05
CA PHE A 163 -11.06 -4.97 5.65
C PHE A 163 -11.99 -4.29 4.63
N LEU A 164 -13.29 -4.40 4.86
CA LEU A 164 -14.30 -3.83 3.99
C LEU A 164 -14.22 -2.31 4.00
N GLN A 165 -14.13 -1.73 5.19
CA GLN A 165 -14.05 -0.29 5.32
C GLN A 165 -12.75 0.27 4.76
N SER A 166 -11.63 -0.42 5.02
CA SER A 166 -10.35 -0.04 4.44
C SER A 166 -10.37 -0.06 2.91
N SER A 167 -11.04 -1.04 2.33
CA SER A 167 -11.23 -1.14 0.87
C SER A 167 -12.05 0.02 0.32
N TYR A 168 -13.15 0.35 1.01
CA TYR A 168 -13.98 1.50 0.63
C TYR A 168 -13.18 2.82 0.64
N GLN A 169 -12.46 3.06 1.73
CA GLN A 169 -11.65 4.26 1.88
C GLN A 169 -10.63 4.35 0.75
N THR A 170 -9.92 3.24 0.55
CA THR A 170 -8.93 3.13 -0.50
C THR A 170 -9.48 3.43 -1.90
N GLU A 171 -10.65 2.87 -2.18
CA GLU A 171 -11.35 3.11 -3.43
C GLU A 171 -11.83 4.54 -3.56
N ILE A 172 -12.24 5.17 -2.45
CA ILE A 172 -12.53 6.59 -2.49
C ILE A 172 -11.25 7.40 -2.84
N GLY A 173 -10.13 7.06 -2.23
CA GLY A 173 -8.84 7.70 -2.55
C GLY A 173 -8.38 7.49 -3.99
N GLN A 174 -8.57 6.27 -4.50
CA GLN A 174 -8.34 6.01 -5.92
C GLN A 174 -9.19 6.91 -6.86
N THR A 175 -10.48 7.08 -6.54
CA THR A 175 -11.36 7.98 -7.28
C THR A 175 -10.78 9.41 -7.31
N LEU A 176 -10.40 9.94 -6.15
CA LEU A 176 -9.75 11.27 -6.09
C LEU A 176 -8.45 11.36 -6.91
N ASP A 177 -7.61 10.36 -6.80
CA ASP A 177 -6.40 10.22 -7.59
C ASP A 177 -6.66 10.37 -9.10
N LEU A 178 -7.62 9.58 -9.60
CA LEU A 178 -7.95 9.48 -11.00
C LEU A 178 -8.66 10.74 -11.51
N LEU A 179 -9.51 11.34 -10.66
CA LEU A 179 -10.28 12.55 -10.95
C LEU A 179 -9.39 13.78 -11.00
N THR A 180 -8.32 13.76 -10.21
CA THR A 180 -7.37 14.86 -10.17
C THR A 180 -6.32 14.72 -11.29
N ALA A 181 -6.39 13.61 -12.02
CA ALA A 181 -5.41 13.29 -13.03
C ALA A 181 -6.03 12.85 -14.35
N PRO A 182 -6.90 13.69 -14.91
CA PRO A 182 -7.49 13.34 -16.19
C PRO A 182 -6.49 13.28 -17.36
N GLN A 183 -6.67 12.27 -18.20
CA GLN A 183 -5.73 12.04 -19.29
C GLN A 183 -5.93 13.15 -20.31
N GLY A 184 -4.83 13.63 -20.87
CA GLY A 184 -4.86 14.65 -21.92
C GLY A 184 -5.43 16.00 -21.51
N ASN A 185 -5.56 16.21 -20.19
CA ASN A 185 -6.27 17.38 -19.67
C ASN A 185 -5.43 18.05 -18.57
N VAL A 186 -4.54 18.95 -18.97
CA VAL A 186 -3.56 19.53 -18.05
C VAL A 186 -4.11 20.76 -17.34
N ASP A 187 -4.54 20.58 -16.09
CA ASP A 187 -4.83 21.75 -15.23
C ASP A 187 -4.09 21.62 -13.89
N LEU A 188 -3.07 22.45 -13.77
CA LEU A 188 -2.14 22.41 -12.66
C LEU A 188 -2.82 23.06 -11.46
N VAL A 189 -3.84 23.89 -11.73
CA VAL A 189 -4.62 24.63 -10.73
C VAL A 189 -5.16 23.72 -9.61
N ARG A 190 -5.51 22.50 -9.98
CA ARG A 190 -6.03 21.53 -9.01
C ARG A 190 -4.99 20.86 -8.12
N PHE A 191 -3.71 20.99 -8.46
CA PHE A 191 -2.65 20.30 -7.74
C PHE A 191 -2.22 21.15 -6.52
N THR A 192 -3.06 21.15 -5.48
CA THR A 192 -2.78 21.92 -4.25
C THR A 192 -2.31 20.98 -3.16
N GLU A 193 -1.68 21.51 -2.12
CA GLU A 193 -1.28 20.70 -0.98
C GLU A 193 -2.47 20.07 -0.25
N LYS A 194 -3.59 20.78 -0.24
CA LYS A 194 -4.77 20.38 0.49
C LYS A 194 -5.40 19.19 -0.20
N ARG A 195 -5.46 19.29 -1.52
CA ARG A 195 -5.94 18.20 -2.37
C ARG A 195 -5.00 16.98 -2.26
N TYR A 196 -3.69 17.24 -2.27
CA TYR A 196 -2.70 16.18 -2.13
C TYR A 196 -2.93 15.37 -0.85
N LYS A 197 -3.02 16.08 0.28
CA LYS A 197 -3.13 15.43 1.58
C LYS A 197 -4.38 14.54 1.61
N SER A 198 -5.49 15.06 1.09
CA SER A 198 -6.74 14.29 1.02
C SER A 198 -6.64 13.02 0.16
N ILE A 199 -6.07 13.14 -1.05
CA ILE A 199 -5.85 11.97 -1.90
C ILE A 199 -5.04 10.92 -1.15
N VAL A 200 -3.91 11.29 -0.55
CA VAL A 200 -3.03 10.24 -0.05
C VAL A 200 -3.59 9.64 1.28
N LYS A 201 -4.37 10.45 2.01
CA LYS A 201 -4.97 9.92 3.23
C LYS A 201 -5.83 8.73 2.89
N TYR A 202 -6.65 8.95 1.89
CA TYR A 202 -7.61 7.90 1.46
C TYR A 202 -7.02 6.77 0.65
N LYS A 203 -6.12 7.10 -0.28
CA LYS A 203 -5.61 6.07 -1.21
C LYS A 203 -4.51 5.17 -0.65
N THR A 204 -3.82 5.63 0.39
CA THR A 204 -2.70 4.94 0.98
C THR A 204 -2.70 4.73 2.49
N ALA A 205 -2.99 5.78 3.24
CA ALA A 205 -2.77 5.78 4.69
C ALA A 205 -3.60 4.76 5.43
N PHE A 206 -4.89 4.65 5.07
CA PHE A 206 -5.73 3.64 5.71
C PHE A 206 -5.23 2.23 5.50
N TYR A 207 -5.05 1.79 4.25
CA TYR A 207 -4.78 0.38 4.03
C TYR A 207 -3.34 -0.04 4.26
N SER A 208 -2.41 0.92 4.14
CA SER A 208 -1.02 0.57 4.30
C SER A 208 -0.55 0.64 5.73
N PHE A 209 -1.15 1.51 6.55
CA PHE A 209 -0.68 1.68 7.90
C PHE A 209 -1.67 1.37 8.98
N TYR A 210 -2.88 1.89 8.83
CA TYR A 210 -3.86 1.74 9.86
C TYR A 210 -4.37 0.31 9.87
N LEU A 211 -4.71 -0.21 8.67
CA LEU A 211 -5.27 -1.55 8.54
C LEU A 211 -4.46 -2.65 9.24
N PRO A 212 -3.16 -2.77 8.94
CA PRO A 212 -2.44 -3.87 9.58
C PRO A 212 -2.32 -3.81 11.11
N ILE A 213 -2.00 -2.64 11.63
CA ILE A 213 -1.96 -2.48 13.09
C ILE A 213 -3.33 -2.69 13.74
N ALA A 214 -4.36 -2.09 13.17
CA ALA A 214 -5.73 -2.29 13.60
C ALA A 214 -6.16 -3.77 13.63
N ALA A 215 -5.78 -4.55 12.61
CA ALA A 215 -6.06 -5.99 12.56
C ALA A 215 -5.44 -6.66 13.77
N ALA A 216 -4.17 -6.34 14.05
CA ALA A 216 -3.49 -6.95 15.19
C ALA A 216 -4.10 -6.48 16.53
N MET A 217 -4.48 -5.20 16.59
CA MET A 217 -5.21 -4.66 17.77
C MET A 217 -6.51 -5.45 18.04
N TYR A 218 -7.32 -5.68 16.99
CA TYR A 218 -8.57 -6.40 17.18
C TYR A 218 -8.32 -7.86 17.59
N MET A 219 -7.34 -8.51 16.96
CA MET A 219 -6.95 -9.85 17.35
C MET A 219 -6.49 -9.96 18.80
N ALA A 220 -5.88 -8.89 19.32
CA ALA A 220 -5.45 -8.81 20.71
C ALA A 220 -6.56 -8.30 21.65
N GLY A 221 -7.76 -8.14 21.12
CA GLY A 221 -8.92 -7.75 21.93
C GLY A 221 -8.97 -6.27 22.24
N ILE A 222 -8.17 -5.48 21.52
CA ILE A 222 -8.10 -4.03 21.70
C ILE A 222 -9.03 -3.48 20.64
N ASP A 223 -10.27 -3.21 21.06
CA ASP A 223 -11.35 -2.82 20.14
C ASP A 223 -11.92 -1.44 20.40
N GLY A 224 -11.36 -0.72 21.39
CA GLY A 224 -11.92 0.56 21.85
C GLY A 224 -11.73 1.65 20.82
N GLU A 225 -12.76 2.46 20.64
CA GLU A 225 -12.71 3.57 19.68
C GLU A 225 -11.57 4.55 19.99
N LYS A 226 -11.32 4.85 21.27
CA LYS A 226 -10.22 5.78 21.66
C LYS A 226 -8.84 5.23 21.29
N GLU A 227 -8.64 3.93 21.51
CA GLU A 227 -7.35 3.28 21.21
C GLU A 227 -7.12 3.26 19.71
N HIS A 228 -8.16 2.93 18.94
CA HIS A 228 -8.05 2.93 17.49
C HIS A 228 -7.84 4.35 16.95
N ALA A 229 -8.49 5.34 17.55
CA ALA A 229 -8.38 6.73 17.13
C ALA A 229 -6.96 7.30 17.42
N ASN A 230 -6.42 6.98 18.58
CA ASN A 230 -5.03 7.32 18.87
C ASN A 230 -4.01 6.65 17.92
N ALA A 231 -4.17 5.35 17.68
CA ALA A 231 -3.37 4.61 16.68
C ALA A 231 -3.37 5.31 15.32
N LYS A 232 -4.56 5.63 14.82
CA LYS A 232 -4.72 6.40 13.58
C LYS A 232 -3.94 7.70 13.50
N LYS A 233 -3.88 8.43 14.62
CA LYS A 233 -3.17 9.74 14.66
C LYS A 233 -1.72 9.61 14.21
N ILE A 234 -1.08 8.51 14.62
CA ILE A 234 0.26 8.17 14.20
C ILE A 234 0.29 7.63 12.77
N LEU A 235 -0.55 6.62 12.53
CA LEU A 235 -0.47 5.77 11.32
C LEU A 235 -0.86 6.53 10.03
N LEU A 236 -1.86 7.42 10.10
CA LEU A 236 -2.28 8.18 8.94
C LEU A 236 -1.19 9.15 8.53
N GLU A 237 -0.50 9.70 9.52
CA GLU A 237 0.63 10.58 9.26
C GLU A 237 1.79 9.80 8.63
N MET A 238 2.05 8.60 9.16
CA MET A 238 3.07 7.71 8.58
C MET A 238 2.73 7.37 7.12
N GLY A 239 1.45 7.11 6.85
CA GLY A 239 0.99 6.84 5.52
C GLY A 239 1.15 7.98 4.53
N GLU A 240 0.89 9.18 4.99
CA GLU A 240 1.15 10.34 4.16
C GLU A 240 2.62 10.42 3.78
N PHE A 241 3.52 10.29 4.74
CA PHE A 241 4.93 10.28 4.42
C PHE A 241 5.29 9.21 3.37
N PHE A 242 4.76 8.01 3.60
CA PHE A 242 5.03 6.87 2.76
C PHE A 242 4.65 7.18 1.29
N GLN A 243 3.53 7.85 1.06
CA GLN A 243 3.06 8.18 -0.28
C GLN A 243 3.90 9.29 -0.92
N ILE A 244 4.31 10.28 -0.13
CA ILE A 244 5.28 11.30 -0.57
C ILE A 244 6.58 10.62 -1.00
N GLN A 245 7.09 9.68 -0.20
CA GLN A 245 8.25 8.90 -0.60
C GLN A 245 8.03 8.13 -1.95
N ASP A 246 6.85 7.51 -2.08
CA ASP A 246 6.50 6.81 -3.29
C ASP A 246 6.52 7.74 -4.51
N ASP A 247 5.90 8.90 -4.36
CA ASP A 247 5.93 9.95 -5.41
C ASP A 247 7.35 10.43 -5.79
N TYR A 248 8.22 10.62 -4.80
CA TYR A 248 9.60 11.00 -5.03
C TYR A 248 10.34 9.90 -5.83
N LEU A 249 10.18 8.65 -5.41
CA LEU A 249 10.86 7.52 -6.03
C LEU A 249 10.33 7.20 -7.43
N ASP A 250 9.06 7.57 -7.69
CA ASP A 250 8.46 7.47 -9.01
C ASP A 250 9.38 8.08 -10.08
N LEU A 251 9.99 9.24 -9.79
CA LEU A 251 10.89 9.92 -10.73
C LEU A 251 12.38 9.67 -10.40
N PHE A 252 12.72 9.75 -9.11
CA PHE A 252 14.12 9.83 -8.70
C PHE A 252 14.66 8.53 -8.14
N GLY A 253 13.80 7.52 -8.00
CA GLY A 253 14.23 6.23 -7.52
C GLY A 253 14.84 5.37 -8.61
N ASP A 254 15.66 4.41 -8.19
CA ASP A 254 16.30 3.43 -9.07
C ASP A 254 15.35 2.25 -9.28
N PRO A 255 14.88 2.04 -10.53
CA PRO A 255 13.90 0.96 -10.73
C PRO A 255 14.43 -0.45 -10.43
N SER A 256 15.75 -0.66 -10.51
CA SER A 256 16.30 -1.94 -10.02
C SER A 256 16.04 -2.13 -8.52
N VAL A 257 15.96 -1.04 -7.75
CA VAL A 257 15.57 -1.11 -6.34
C VAL A 257 14.05 -1.06 -6.16
N THR A 258 13.38 -0.15 -6.85
CA THR A 258 11.95 0.03 -6.62
C THR A 258 11.09 -1.09 -7.25
N GLY A 259 11.65 -1.75 -8.28
CA GLY A 259 10.99 -2.82 -9.03
C GLY A 259 9.98 -2.36 -10.08
N LYS A 260 9.84 -1.05 -10.25
CA LYS A 260 8.75 -0.49 -11.06
C LYS A 260 9.22 0.79 -11.77
N ILE A 261 8.67 1.02 -12.95
CA ILE A 261 8.94 2.22 -13.76
C ILE A 261 7.86 3.25 -13.49
N GLY A 262 8.30 4.49 -13.25
CA GLY A 262 7.43 5.59 -12.90
C GLY A 262 6.58 6.05 -14.07
N THR A 263 5.39 6.56 -13.77
CA THR A 263 4.43 7.04 -14.76
C THR A 263 3.69 8.32 -14.35
N ASP A 264 4.03 8.91 -13.21
CA ASP A 264 3.19 9.96 -12.67
C ASP A 264 3.09 11.19 -13.59
N ILE A 265 4.22 11.62 -14.16
CA ILE A 265 4.26 12.82 -15.05
C ILE A 265 3.42 12.58 -16.32
N GLN A 266 3.68 11.49 -17.01
CA GLN A 266 2.88 11.03 -18.14
C GLN A 266 1.38 10.93 -17.83
N ASP A 267 1.05 10.44 -16.63
CA ASP A 267 -0.31 10.17 -16.23
C ASP A 267 -1.00 11.39 -15.64
N ASN A 268 -0.32 12.55 -15.57
CA ASN A 268 -0.94 13.79 -15.12
C ASN A 268 -1.32 13.76 -13.64
N LYS A 269 -0.52 13.05 -12.85
CA LYS A 269 -0.85 12.80 -11.44
C LYS A 269 -0.55 14.00 -10.56
N CYS A 270 -1.41 14.14 -9.54
CA CYS A 270 -1.20 15.07 -8.44
C CYS A 270 -0.16 14.51 -7.46
N SER A 271 1.06 14.42 -7.97
CA SER A 271 2.21 13.95 -7.22
C SER A 271 2.68 15.01 -6.22
N TRP A 272 3.32 14.57 -5.15
CA TRP A 272 3.98 15.49 -4.24
C TRP A 272 4.99 16.33 -5.00
N LEU A 273 5.69 15.74 -5.96
CA LEU A 273 6.69 16.52 -6.72
C LEU A 273 6.06 17.72 -7.44
N VAL A 274 4.94 17.50 -8.14
CA VAL A 274 4.29 18.58 -8.91
C VAL A 274 3.70 19.68 -8.00
N VAL A 275 3.19 19.27 -6.84
CA VAL A 275 2.70 20.22 -5.82
C VAL A 275 3.83 21.15 -5.35
N GLN A 276 4.98 20.55 -5.04
CA GLN A 276 6.13 21.28 -4.56
C GLN A 276 6.72 22.16 -5.66
N CYS A 277 6.68 21.67 -6.90
CA CYS A 277 7.06 22.45 -8.10
C CYS A 277 6.24 23.74 -8.24
N LEU A 278 4.92 23.58 -8.19
CA LEU A 278 3.98 24.69 -8.24
C LEU A 278 4.17 25.73 -7.11
N GLN A 279 4.47 25.29 -5.88
CA GLN A 279 4.78 26.22 -4.79
C GLN A 279 6.00 27.09 -5.04
N ARG A 280 6.93 26.61 -5.86
CA ARG A 280 8.21 27.24 -6.01
C ARG A 280 8.44 27.89 -7.35
N ALA A 281 7.60 27.59 -8.33
CA ALA A 281 7.95 27.87 -9.71
C ALA A 281 7.61 29.31 -10.06
N THR A 282 8.55 29.99 -10.72
CA THR A 282 8.30 31.31 -11.36
C THR A 282 7.23 31.12 -12.44
N PRO A 283 6.64 32.23 -12.92
CA PRO A 283 5.67 32.10 -14.01
C PRO A 283 6.26 31.44 -15.27
N GLU A 284 7.55 31.66 -15.52
CA GLU A 284 8.26 31.06 -16.65
C GLU A 284 8.35 29.54 -16.47
N GLN A 285 8.72 29.10 -15.26
CA GLN A 285 8.75 27.68 -14.94
C GLN A 285 7.36 27.05 -14.90
N TYR A 286 6.36 27.80 -14.42
CA TYR A 286 4.97 27.37 -14.53
C TYR A 286 4.58 27.03 -16.00
N GLN A 287 4.89 27.89 -16.96
CA GLN A 287 4.57 27.60 -18.37
C GLN A 287 5.27 26.36 -18.89
N ILE A 288 6.53 26.17 -18.53
CA ILE A 288 7.29 24.98 -18.91
C ILE A 288 6.58 23.73 -18.37
N LEU A 289 6.19 23.78 -17.11
CA LEU A 289 5.46 22.68 -16.51
C LEU A 289 4.14 22.44 -17.24
N LYS A 290 3.36 23.49 -17.44
CA LYS A 290 2.09 23.38 -18.17
C LYS A 290 2.27 22.71 -19.55
N GLU A 291 3.32 23.12 -20.29
CA GLU A 291 3.62 22.63 -21.65
C GLU A 291 4.03 21.18 -21.75
N ASN A 292 4.58 20.65 -20.67
CA ASN A 292 5.24 19.35 -20.72
C ASN A 292 4.65 18.29 -19.83
N TYR A 293 3.73 18.66 -18.93
CA TYR A 293 3.18 17.71 -17.97
C TYR A 293 2.07 16.89 -18.61
N GLY A 294 1.88 15.65 -18.13
CA GLY A 294 0.71 14.86 -18.49
C GLY A 294 0.76 14.33 -19.91
N GLN A 295 1.95 14.16 -20.45
CA GLN A 295 2.07 13.80 -21.85
C GLN A 295 3.05 12.63 -22.00
N LYS A 296 2.81 11.84 -23.04
CA LYS A 296 3.60 10.62 -23.27
C LYS A 296 5.01 10.85 -23.79
N GLU A 297 5.32 12.01 -24.39
CA GLU A 297 6.59 12.20 -25.05
C GLU A 297 7.72 12.18 -24.04
N ALA A 298 8.77 11.40 -24.34
CA ALA A 298 9.90 11.24 -23.41
C ALA A 298 10.64 12.56 -23.17
N GLU A 299 10.75 13.36 -24.22
CA GLU A 299 11.43 14.65 -24.13
C GLU A 299 10.66 15.63 -23.21
N LYS A 300 9.34 15.54 -23.21
CA LYS A 300 8.53 16.41 -22.35
C LYS A 300 8.63 15.96 -20.90
N VAL A 301 8.63 14.66 -20.66
CA VAL A 301 8.87 14.13 -19.30
C VAL A 301 10.25 14.56 -18.77
N ALA A 302 11.28 14.46 -19.62
CA ALA A 302 12.64 14.90 -19.31
C ALA A 302 12.68 16.36 -18.92
N ARG A 303 11.93 17.20 -19.63
CA ARG A 303 11.88 18.62 -19.31
C ARG A 303 11.29 18.87 -17.91
N VAL A 304 10.26 18.12 -17.53
CA VAL A 304 9.65 18.23 -16.20
C VAL A 304 10.68 17.82 -15.14
N LYS A 305 11.35 16.69 -15.33
CA LYS A 305 12.39 16.22 -14.40
C LYS A 305 13.47 17.28 -14.27
N ALA A 306 13.85 17.90 -15.39
CA ALA A 306 14.91 18.91 -15.36
C ALA A 306 14.49 20.08 -14.50
N LEU A 307 13.23 20.50 -14.64
CA LEU A 307 12.67 21.60 -13.87
C LEU A 307 12.67 21.31 -12.35
N TYR A 308 12.29 20.10 -11.98
CA TYR A 308 12.31 19.65 -10.59
C TYR A 308 13.73 19.69 -10.00
N GLU A 309 14.71 19.24 -10.77
CA GLU A 309 16.12 19.28 -10.37
C GLU A 309 16.61 20.74 -10.27
N GLU A 310 16.20 21.58 -11.22
CA GLU A 310 16.47 23.02 -11.14
C GLU A 310 15.94 23.64 -9.83
N LEU A 311 14.78 23.19 -9.40
CA LEU A 311 14.10 23.71 -8.18
C LEU A 311 14.46 22.95 -6.90
N ASP A 312 15.46 22.08 -6.99
CA ASP A 312 16.08 21.45 -5.82
C ASP A 312 15.13 20.50 -5.08
N LEU A 313 14.21 19.91 -5.82
CA LEU A 313 13.18 19.10 -5.21
C LEU A 313 13.76 17.87 -4.47
N PRO A 314 14.78 17.22 -5.04
CA PRO A 314 15.44 16.16 -4.24
C PRO A 314 15.92 16.63 -2.85
N ALA A 315 16.59 17.78 -2.77
CA ALA A 315 16.98 18.41 -1.51
C ALA A 315 15.78 18.76 -0.61
N VAL A 316 14.70 19.23 -1.23
CA VAL A 316 13.47 19.56 -0.52
C VAL A 316 12.87 18.27 0.06
N PHE A 317 12.89 17.18 -0.72
CA PHE A 317 12.45 15.90 -0.22
C PHE A 317 13.28 15.40 0.97
N LEU A 318 14.61 15.49 0.84
CA LEU A 318 15.51 15.08 1.91
C LEU A 318 15.18 15.82 3.22
N GLN A 319 14.98 17.13 3.12
CA GLN A 319 14.60 17.91 4.29
C GLN A 319 13.25 17.47 4.81
N TYR A 320 12.29 17.22 3.91
CA TYR A 320 10.94 16.83 4.29
C TYR A 320 10.94 15.51 5.07
N GLU A 321 11.74 14.56 4.62
CA GLU A 321 11.85 13.28 5.29
C GLU A 321 12.36 13.39 6.76
N GLU A 322 13.34 14.27 6.98
CA GLU A 322 13.85 14.57 8.33
C GLU A 322 12.75 15.15 9.21
N ASP A 323 12.17 16.26 8.75
CA ASP A 323 11.03 16.91 9.44
C ASP A 323 9.87 15.94 9.72
N SER A 324 9.54 15.10 8.75
CA SER A 324 8.47 14.13 8.85
C SER A 324 8.78 13.06 9.90
N TYR A 325 9.98 12.50 9.80
CA TYR A 325 10.45 11.54 10.79
C TYR A 325 10.30 12.11 12.22
N SER A 326 10.83 13.32 12.43
CA SER A 326 10.75 13.98 13.73
C SER A 326 9.30 14.19 14.20
N HIS A 327 8.42 14.53 13.26
CA HIS A 327 7.00 14.69 13.54
C HIS A 327 6.31 13.38 13.98
N ILE A 328 6.55 12.31 13.23
CA ILE A 328 5.96 11.02 13.53
C ILE A 328 6.42 10.50 14.90
N MET A 329 7.69 10.72 15.24
CA MET A 329 8.28 10.29 16.52
C MET A 329 7.63 11.04 17.67
N ALA A 330 7.39 12.33 17.44
CA ALA A 330 6.60 13.18 18.33
C ALA A 330 5.16 12.65 18.55
N LEU A 331 4.51 12.19 17.47
CA LEU A 331 3.18 11.61 17.55
C LEU A 331 3.18 10.27 18.32
N ILE A 332 4.26 9.49 18.16
CA ILE A 332 4.42 8.27 18.94
C ILE A 332 4.51 8.62 20.42
N GLU A 333 5.31 9.63 20.79
CA GLU A 333 5.39 10.05 22.19
C GLU A 333 4.02 10.48 22.70
N GLN A 334 3.26 11.19 21.88
CA GLN A 334 1.95 11.68 22.31
C GLN A 334 0.90 10.55 22.43
N TYR A 335 0.87 9.64 21.46
CA TYR A 335 -0.30 8.80 21.19
C TYR A 335 -0.12 7.29 21.33
N ALA A 336 1.12 6.80 21.51
CA ALA A 336 1.40 5.35 21.60
C ALA A 336 0.65 4.66 22.76
N ALA A 337 0.76 5.25 23.96
CA ALA A 337 0.14 4.69 25.20
C ALA A 337 -1.34 4.40 25.04
N PRO A 338 -1.80 3.24 25.53
CA PRO A 338 -1.10 2.24 26.32
C PRO A 338 -0.40 1.08 25.52
N LEU A 339 -0.27 1.22 24.21
CA LEU A 339 0.40 0.21 23.39
C LEU A 339 1.94 0.33 23.51
N PRO A 340 2.68 -0.78 23.31
CA PRO A 340 4.14 -0.60 23.36
C PRO A 340 4.63 0.33 22.25
N PRO A 341 5.47 1.33 22.60
CA PRO A 341 6.03 2.15 21.54
C PRO A 341 6.71 1.38 20.39
N ALA A 342 7.28 0.21 20.69
CA ALA A 342 7.95 -0.62 19.69
C ALA A 342 7.05 -0.95 18.51
N VAL A 343 5.75 -1.09 18.78
CA VAL A 343 4.74 -1.35 17.74
C VAL A 343 4.87 -0.36 16.57
N PHE A 344 5.09 0.90 16.91
CA PHE A 344 5.14 2.01 15.94
C PHE A 344 6.55 2.28 15.48
N LEU A 345 7.49 2.21 16.40
CA LEU A 345 8.90 2.43 16.10
C LEU A 345 9.47 1.44 15.09
N GLY A 346 9.07 0.17 15.19
CA GLY A 346 9.47 -0.82 14.19
C GLY A 346 9.03 -0.44 12.81
N LEU A 347 7.77 -0.02 12.69
CA LEU A 347 7.23 0.43 11.44
C LEU A 347 7.94 1.69 10.94
N ALA A 348 8.19 2.65 11.84
CA ALA A 348 8.96 3.86 11.54
C ALA A 348 10.33 3.52 10.97
N ARG A 349 11.00 2.58 11.63
CA ARG A 349 12.33 2.10 11.19
C ARG A 349 12.30 1.54 9.78
N LYS A 350 11.31 0.72 9.48
CA LYS A 350 11.15 0.15 8.16
C LYS A 350 10.91 1.22 7.09
N ILE A 351 10.04 2.19 7.34
CA ILE A 351 9.73 3.15 6.26
C ILE A 351 10.74 4.32 6.10
N TYR A 352 11.42 4.72 7.18
CA TYR A 352 12.36 5.84 7.07
C TYR A 352 13.81 5.40 6.78
N LYS A 353 14.07 4.10 6.70
CA LYS A 353 15.34 3.55 6.19
C LYS A 353 15.90 4.34 5.00
MG MG B . 0.26 3.24 -9.75
MG MG C . 3.56 5.81 -7.21
MG MG D . -2.28 4.98 -8.87
MG MG E . 1.00 6.89 -12.06
O M0N F . 1.82 3.79 -4.94
C9 M0N F . 1.08 3.49 -6.11
C8 M0N F . 0.04 2.46 -5.66
C2 M0N F . -1.09 2.79 -4.71
C1 M0N F . -1.03 3.68 -3.67
N1 M0N F . -2.25 3.61 -3.12
C7 M0N F . -3.04 2.74 -3.78
C6 M0N F . -4.38 2.34 -3.56
C5 M0N F . -4.93 1.35 -4.41
C4 M0N F . -4.13 0.85 -5.46
C3 M0N F . -2.81 1.27 -5.61
N2 M0N F . -2.30 2.21 -4.78
P1 M0N F . 0.34 4.99 -6.91
O2 M0N F . -0.62 5.58 -5.90
O3 M0N F . -0.37 4.45 -8.14
O1 M0N F . 1.48 5.92 -7.26
P2 M0N F . 2.34 2.74 -7.18
O5 M0N F . 3.43 3.81 -7.36
O6 M0N F . 2.85 1.54 -6.48
O4 M0N F . 1.70 2.39 -8.51
#